data_8HSI
#
_entry.id   8HSI
#
_cell.length_a   1.00
_cell.length_b   1.00
_cell.length_c   1.00
_cell.angle_alpha   90.00
_cell.angle_beta   90.00
_cell.angle_gamma   90.00
#
_symmetry.space_group_name_H-M   'P 1'
#
loop_
_entity.id
_entity.type
_entity.pdbx_description
1 polymer 'Transmembrane protein 87A'
2 branched 2-acetamido-2-deoxy-beta-D-glucopyranose-(1-4)-2-acetamido-2-deoxy-beta-D-glucopyranose
3 branched beta-D-mannopyranose-(1-4)-2-acetamido-2-deoxy-beta-D-glucopyranose-(1-4)-2-acetamido-2-deoxy-beta-D-glucopyranose
4 non-polymer '(1S)-2-{[(S)-(2-aminoethoxy)(hydroxy)phosphoryl]oxy}-1-[(octadecanoyloxy)methyl]ethyl (9Z)-octadec-9-enoate'
5 non-polymer CHOLESTEROL
#
_entity_poly.entity_id   1
_entity_poly.type   'polypeptide(L)'
_entity_poly.pdbx_seq_one_letter_code
;MAAAAWLQVLPVILLLLGAHPSPLSFFSAGPATVAAADRSKWHIPIPSGKNYFSFGKILFRNTTIFLKFDGEPCDLSLNI
TWYLKSADCYNEIYNFKAEEVELYLEKLKEKRGLSGKYQTSSKLFQNCSELFKTQTFSGDFMHRLPLLGEKQEAKENGTN
LTFIGDKTAMHEPLQTWQDAPYIFIVHIGISSSKESSKENSLSNLFTMTVEVKGPYEYLTLEDYPLMIFFMVMCIVYVLF
GVLWLAWSACYWRDLLRIQFWIGAVIFLGMLEKAVFYAEFQNIRYKGESVQGALILAELLSAVKRSLARTLVIIVSLGYG
IVKPRLGVTLHKVVVAGALYLLFSGMEGVLRVTGAQTDLASLAFIPLAFLDTALCWWIFISLTQTMKLLKLRRNIVKLSL
YRHFTNTLILAVAASIVFIIWTTMKFRIVTCQSDWRELWVDDAIWRLLFSMILFVIMVLWRPSANNQRFAFSPLSEEEEE
DEQKEPMLKESFEGMKMRSTKQEPNGNSKVNKAQEDDLKWVEENVPSSVTDVALPALLDSDEERMITHFERSKME
;
_entity_poly.pdbx_strand_id   A
#
loop_
_chem_comp.id
_chem_comp.type
_chem_comp.name
_chem_comp.formula
BMA D-saccharide, beta linking beta-D-mannopyranose 'C6 H12 O6'
CLR non-polymer CHOLESTEROL 'C27 H46 O'
L9Q non-polymer '(1S)-2-{[(S)-(2-aminoethoxy)(hydroxy)phosphoryl]oxy}-1-[(octadecanoyloxy)methyl]ethyl (9Z)-octadec-9-enoate' 'C41 H80 N O8 P'
NAG D-saccharide, beta linking 2-acetamido-2-deoxy-beta-D-glucopyranose 'C8 H15 N O6'
#
# COMPACT_ATOMS: atom_id res chain seq x y z
N ASP A 38 0.62 -5.40 8.99
CA ASP A 38 0.51 -6.84 9.23
C ASP A 38 -0.33 -7.13 10.47
N ARG A 39 0.32 -7.54 11.55
CA ARG A 39 -0.37 -7.88 12.79
C ARG A 39 0.37 -7.26 13.96
N SER A 40 -0.35 -7.12 15.06
CA SER A 40 0.22 -6.67 16.33
C SER A 40 0.01 -7.67 17.46
N LYS A 41 -0.99 -8.54 17.34
CA LYS A 41 -1.22 -9.59 18.33
C LYS A 41 -0.80 -10.93 17.75
N TRP A 42 -0.02 -11.69 18.52
CA TRP A 42 0.46 -12.99 18.09
C TRP A 42 0.10 -14.03 19.14
N HIS A 43 -0.45 -15.15 18.69
CA HIS A 43 -0.69 -16.32 19.53
C HIS A 43 0.20 -17.45 19.02
N ILE A 44 1.01 -18.02 19.92
CA ILE A 44 1.98 -19.03 19.51
C ILE A 44 1.90 -20.24 20.44
N PRO A 45 1.75 -21.44 19.91
CA PRO A 45 1.92 -22.66 20.72
C PRO A 45 3.41 -22.91 20.93
N ILE A 46 3.85 -22.84 22.18
CA ILE A 46 5.31 -22.94 22.46
C ILE A 46 5.87 -24.28 21.95
N PRO A 47 5.40 -25.51 22.29
CA PRO A 47 6.06 -26.72 21.78
C PRO A 47 5.90 -26.87 20.28
N SER A 48 6.67 -26.10 19.51
CA SER A 48 6.61 -26.17 18.05
C SER A 48 7.89 -25.58 17.49
N GLY A 49 8.59 -26.36 16.65
CA GLY A 49 9.82 -25.88 16.06
C GLY A 49 10.93 -25.74 17.08
N LYS A 50 11.77 -24.73 16.88
CA LYS A 50 12.90 -24.46 17.75
C LYS A 50 12.56 -23.49 18.89
N ASN A 51 11.29 -23.10 19.01
CA ASN A 51 10.77 -22.21 20.05
C ASN A 51 11.26 -20.78 19.89
N TYR A 52 11.79 -20.40 18.74
CA TYR A 52 12.21 -19.03 18.48
C TYR A 52 11.05 -18.25 17.90
N PHE A 53 10.78 -17.07 18.47
CA PHE A 53 9.79 -16.16 17.92
C PHE A 53 10.45 -14.80 17.69
N SER A 54 10.46 -14.35 16.44
CA SER A 54 11.14 -13.12 16.08
C SER A 54 10.26 -12.28 15.18
N PHE A 55 10.35 -10.96 15.33
CA PHE A 55 9.69 -10.05 14.42
C PHE A 55 10.48 -8.76 14.32
N GLY A 56 10.54 -8.19 13.12
CA GLY A 56 11.20 -6.92 12.91
C GLY A 56 10.31 -5.92 12.22
N LYS A 57 10.11 -4.75 12.82
CA LYS A 57 9.23 -3.74 12.25
C LYS A 57 9.57 -2.39 12.84
N ILE A 58 9.06 -1.34 12.20
CA ILE A 58 9.28 0.03 12.62
C ILE A 58 8.29 0.37 13.73
N LEU A 59 8.79 0.94 14.82
CA LEU A 59 7.97 1.20 16.00
C LEU A 59 8.13 2.64 16.47
N PHE A 60 7.09 3.13 17.14
CA PHE A 60 7.07 4.46 17.73
C PHE A 60 8.06 4.53 18.89
N ARG A 61 8.15 5.70 19.50
CA ARG A 61 8.89 5.91 20.72
C ARG A 61 7.96 5.70 21.91
N ASN A 62 8.50 5.10 22.99
CA ASN A 62 7.73 4.82 24.20
C ASN A 62 6.60 3.82 23.89
N THR A 63 6.98 2.66 23.35
CA THR A 63 6.05 1.58 23.04
C THR A 63 6.38 0.39 23.91
N THR A 64 5.35 -0.25 24.44
CA THR A 64 5.51 -1.39 25.35
C THR A 64 5.18 -2.69 24.65
N ILE A 65 5.88 -3.75 25.04
CA ILE A 65 5.69 -5.10 24.51
C ILE A 65 5.23 -5.98 25.66
N PHE A 66 4.05 -6.56 25.51
CA PHE A 66 3.44 -7.40 26.54
C PHE A 66 3.54 -8.87 26.16
N LEU A 67 3.95 -9.69 27.13
CA LEU A 67 4.07 -11.14 26.96
C LEU A 67 3.19 -11.81 28.01
N LYS A 68 2.34 -12.73 27.57
CA LYS A 68 1.49 -13.49 28.47
C LYS A 68 1.60 -14.97 28.18
N PHE A 69 1.47 -15.79 29.21
CA PHE A 69 1.56 -17.24 29.10
C PHE A 69 0.32 -17.87 29.72
N ASP A 70 -0.32 -18.78 29.01
CA ASP A 70 -1.51 -19.45 29.53
C ASP A 70 -1.54 -20.88 29.03
N GLY A 71 -2.03 -21.80 29.87
CA GLY A 71 -2.17 -23.17 29.41
C GLY A 71 -2.35 -24.13 30.56
N GLU A 72 -1.98 -25.39 30.27
CA GLU A 72 -2.19 -26.50 31.18
C GLU A 72 -1.27 -26.38 32.40
N PRO A 73 -1.49 -27.34 33.37
CA PRO A 73 -0.71 -27.37 34.60
C PRO A 73 0.70 -27.80 34.24
N CYS A 74 1.73 -27.33 34.95
CA CYS A 74 3.14 -27.29 34.54
C CYS A 74 4.01 -28.22 35.38
N ASP A 75 5.01 -28.84 34.74
CA ASP A 75 5.90 -29.79 35.46
C ASP A 75 7.34 -29.72 34.95
N LEU A 76 7.69 -28.77 34.06
CA LEU A 76 9.00 -28.76 33.44
C LEU A 76 9.67 -27.41 33.63
N SER A 77 10.99 -27.44 33.85
CA SER A 77 11.76 -26.21 34.02
C SER A 77 11.83 -25.43 32.71
N LEU A 78 11.75 -24.10 32.83
CA LEU A 78 11.75 -23.23 31.66
C LEU A 78 12.81 -22.15 31.80
N ASN A 79 13.37 -21.75 30.65
CA ASN A 79 14.39 -20.72 30.61
C ASN A 79 14.06 -19.80 29.43
N ILE A 80 13.70 -18.56 29.72
CA ILE A 80 13.20 -17.62 28.71
C ILE A 80 14.22 -16.50 28.53
N THR A 81 14.66 -16.29 27.30
CA THR A 81 15.61 -15.24 26.96
C THR A 81 15.01 -14.34 25.89
N TRP A 82 15.24 -13.04 26.00
CA TRP A 82 14.69 -12.12 25.01
C TRP A 82 15.70 -11.02 24.69
N TYR A 83 15.77 -10.68 23.40
CA TYR A 83 16.59 -9.61 22.87
C TYR A 83 15.71 -8.61 22.15
N LEU A 84 15.98 -7.32 22.36
CA LEU A 84 15.29 -6.23 21.66
C LEU A 84 16.36 -5.28 21.13
N LYS A 85 16.52 -5.23 19.82
CA LYS A 85 17.60 -4.49 19.19
C LYS A 85 17.06 -3.39 18.29
N SER A 86 17.69 -2.23 18.33
CA SER A 86 17.33 -1.11 17.47
C SER A 86 17.95 -1.33 16.08
N ALA A 87 17.76 -0.37 15.18
CA ALA A 87 18.29 -0.48 13.83
C ALA A 87 18.64 0.91 13.32
N ASP A 88 19.87 1.05 12.80
CA ASP A 88 20.30 2.33 12.27
C ASP A 88 19.65 2.61 10.92
N CYS A 89 19.58 1.59 10.06
CA CYS A 89 18.93 1.74 8.76
C CYS A 89 18.10 0.50 8.45
N TYR A 90 17.16 0.67 7.52
CA TYR A 90 16.09 -0.29 7.31
C TYR A 90 16.55 -1.63 6.76
N ASN A 91 17.78 -1.70 6.23
CA ASN A 91 18.21 -2.87 5.46
C ASN A 91 18.21 -4.14 6.28
N GLU A 92 18.71 -4.07 7.52
CA GLU A 92 18.74 -5.25 8.36
C GLU A 92 17.35 -5.70 8.79
N ILE A 93 16.34 -4.83 8.67
CA ILE A 93 14.97 -5.25 8.91
C ILE A 93 14.32 -5.84 7.65
N TYR A 94 14.88 -5.57 6.47
CA TYR A 94 14.30 -6.04 5.22
C TYR A 94 14.79 -7.44 4.87
N ASN A 95 16.10 -7.68 4.99
CA ASN A 95 16.69 -8.98 4.67
C ASN A 95 16.87 -9.87 5.90
N PHE A 96 16.00 -9.69 6.89
CA PHE A 96 16.06 -10.50 8.12
C PHE A 96 15.21 -11.75 7.91
N LYS A 97 15.88 -12.89 7.80
CA LYS A 97 15.21 -14.17 7.61
C LYS A 97 15.27 -14.97 8.91
N ALA A 98 14.11 -15.43 9.38
CA ALA A 98 14.05 -16.12 10.67
C ALA A 98 14.65 -17.52 10.59
N GLU A 99 14.71 -18.10 9.38
CA GLU A 99 15.15 -19.49 9.23
C GLU A 99 16.59 -19.69 9.67
N GLU A 100 17.41 -18.64 9.63
CA GLU A 100 18.78 -18.69 10.12
C GLU A 100 18.99 -17.81 11.35
N VAL A 101 17.91 -17.52 12.09
CA VAL A 101 18.00 -16.60 13.23
C VAL A 101 18.91 -17.15 14.32
N GLU A 102 18.98 -18.47 14.45
CA GLU A 102 19.89 -19.09 15.42
C GLU A 102 21.34 -18.73 15.11
N LEU A 103 21.68 -18.57 13.83
CA LEU A 103 23.01 -18.07 13.48
C LEU A 103 23.13 -16.59 13.80
N TYR A 104 22.06 -15.82 13.55
CA TYR A 104 22.12 -14.36 13.62
C TYR A 104 22.52 -13.87 15.00
N LEU A 105 22.11 -14.60 16.04
CA LEU A 105 22.44 -14.22 17.41
C LEU A 105 23.95 -14.21 17.64
N GLU A 106 24.68 -15.18 17.09
CA GLU A 106 26.13 -15.14 17.30
C GLU A 106 26.74 -13.97 16.54
N LYS A 107 26.12 -13.57 15.43
CA LYS A 107 26.56 -12.37 14.74
C LYS A 107 26.35 -11.13 15.60
N LEU A 108 25.37 -11.15 16.50
CA LEU A 108 25.17 -10.09 17.47
C LEU A 108 25.98 -10.30 18.74
N LYS A 109 26.68 -11.43 18.87
CA LYS A 109 27.42 -11.73 20.09
C LYS A 109 28.87 -11.27 20.04
N GLU A 110 29.47 -11.24 18.85
CA GLU A 110 30.87 -10.85 18.69
C GLU A 110 31.03 -9.37 18.43
N LYS A 111 29.95 -8.59 18.44
CA LYS A 111 29.99 -7.16 18.13
C LYS A 111 30.49 -6.91 16.71
N ARG A 112 30.21 -7.84 15.80
CA ARG A 112 30.65 -7.75 14.41
C ARG A 112 29.48 -7.59 13.45
N GLY A 113 28.27 -7.39 13.95
CA GLY A 113 27.11 -7.24 13.09
C GLY A 113 26.93 -5.81 12.62
N LEU A 114 25.71 -5.30 12.70
CA LEU A 114 25.40 -3.94 12.29
C LEU A 114 25.26 -3.06 13.52
N SER A 115 25.52 -1.77 13.35
CA SER A 115 25.49 -0.84 14.47
C SER A 115 24.07 -0.67 14.99
N GLY A 116 23.97 -0.47 16.30
CA GLY A 116 22.69 -0.29 16.95
C GLY A 116 22.66 -0.82 18.37
N LYS A 117 22.07 -0.05 19.29
CA LYS A 117 21.98 -0.46 20.67
C LYS A 117 20.90 -1.53 20.84
N TYR A 118 21.02 -2.30 21.92
CA TYR A 118 20.06 -3.38 22.16
C TYR A 118 20.04 -3.72 23.64
N GLN A 119 18.97 -4.39 24.04
CA GLN A 119 18.79 -4.91 25.39
C GLN A 119 18.61 -6.41 25.34
N THR A 120 19.10 -7.10 26.37
CA THR A 120 18.96 -8.54 26.49
C THR A 120 18.61 -8.89 27.92
N SER A 121 17.88 -10.00 28.08
CA SER A 121 17.57 -10.48 29.42
C SER A 121 17.24 -11.96 29.36
N SER A 122 17.34 -12.61 30.52
CA SER A 122 17.05 -14.03 30.64
C SER A 122 16.56 -14.33 32.04
N LYS A 123 15.62 -15.26 32.14
CA LYS A 123 15.02 -15.63 33.41
C LYS A 123 14.78 -17.13 33.44
N LEU A 124 14.78 -17.68 34.65
CA LEU A 124 14.54 -19.10 34.89
C LEU A 124 13.26 -19.28 35.70
N PHE A 125 12.50 -20.31 35.36
CA PHE A 125 11.27 -20.62 36.07
C PHE A 125 11.25 -22.11 36.37
N GLN A 126 10.86 -22.47 37.59
CA GLN A 126 10.93 -23.86 38.03
C GLN A 126 9.94 -24.73 37.26
N ASN A 127 8.66 -24.41 37.33
CA ASN A 127 7.63 -25.19 36.65
C ASN A 127 6.90 -24.43 35.55
N CYS A 128 6.19 -23.35 35.85
CA CYS A 128 5.67 -22.53 34.77
C CYS A 128 5.60 -21.02 35.04
N SER A 129 5.45 -20.58 36.29
CA SER A 129 5.33 -19.15 36.63
C SER A 129 4.22 -18.48 35.83
N GLU A 130 3.03 -19.10 35.87
CA GLU A 130 1.94 -18.70 34.99
C GLU A 130 1.13 -17.53 35.54
N LEU A 131 1.49 -17.03 36.73
CA LEU A 131 0.77 -15.93 37.34
C LEU A 131 1.66 -14.76 37.75
N PHE A 132 2.98 -14.90 37.67
CA PHE A 132 3.87 -13.78 37.94
C PHE A 132 3.91 -12.83 36.74
N LYS A 133 4.20 -11.57 37.02
CA LYS A 133 4.22 -10.50 36.03
C LYS A 133 5.61 -9.91 35.89
N THR A 134 6.63 -10.77 35.86
CA THR A 134 8.01 -10.30 35.75
C THR A 134 8.26 -9.60 34.42
N GLN A 135 7.59 -10.03 33.35
CA GLN A 135 7.69 -9.37 32.06
C GLN A 135 6.62 -8.30 31.87
N THR A 136 5.83 -7.99 32.90
CA THR A 136 4.73 -7.05 32.80
C THR A 136 5.01 -5.74 33.52
N PHE A 137 5.35 -5.80 34.81
CA PHE A 137 5.57 -4.59 35.59
C PHE A 137 6.40 -4.94 36.82
N SER A 138 6.90 -3.91 37.49
CA SER A 138 7.70 -4.06 38.71
C SER A 138 8.98 -4.83 38.43
N GLY A 139 9.71 -4.39 37.40
CA GLY A 139 10.97 -5.02 37.05
C GLY A 139 12.16 -4.29 37.63
N ASP A 140 13.04 -3.80 36.76
CA ASP A 140 14.23 -3.07 37.18
C ASP A 140 14.67 -2.17 36.04
N PHE A 141 15.83 -1.56 36.20
CA PHE A 141 16.43 -0.70 35.17
C PHE A 141 17.64 -1.43 34.62
N MET A 142 17.51 -1.96 33.40
CA MET A 142 18.59 -2.70 32.76
C MET A 142 19.26 -1.83 31.71
N HIS A 143 20.59 -1.75 31.79
CA HIS A 143 21.36 -0.97 30.83
C HIS A 143 21.45 -1.68 29.49
N ARG A 144 21.61 -0.86 28.44
CA ARG A 144 21.64 -1.39 27.06
C ARG A 144 23.08 -1.34 26.52
N LEU A 145 23.43 -2.31 25.67
CA LEU A 145 24.82 -2.40 25.14
C LEU A 145 24.76 -2.04 23.66
N PRO A 146 25.79 -1.42 23.03
CA PRO A 146 25.71 -0.98 21.64
C PRO A 146 26.76 -1.61 20.72
N THR A 168 26.01 2.53 30.55
CA THR A 168 25.28 3.37 31.47
C THR A 168 24.04 3.98 30.82
N ALA A 169 22.96 3.22 30.80
CA ALA A 169 21.70 3.65 30.20
C ALA A 169 20.59 3.83 31.22
N MET A 170 20.29 2.80 32.01
CA MET A 170 19.24 2.85 33.04
C MET A 170 17.87 3.16 32.42
N HIS A 171 17.47 2.29 31.50
CA HIS A 171 16.17 2.39 30.84
C HIS A 171 15.22 1.34 31.40
N GLU A 172 13.95 1.47 31.02
CA GLU A 172 12.95 0.50 31.42
C GLU A 172 13.26 -0.87 30.81
N PRO A 173 12.76 -1.95 31.42
CA PRO A 173 13.15 -3.30 30.97
C PRO A 173 12.73 -3.62 29.54
N LEU A 174 11.44 -3.50 29.26
CA LEU A 174 10.90 -3.86 27.94
C LEU A 174 10.12 -2.66 27.41
N GLN A 175 10.83 -1.76 26.73
CA GLN A 175 10.22 -0.54 26.25
C GLN A 175 11.11 0.08 25.19
N THR A 176 10.48 0.75 24.22
CA THR A 176 11.20 1.44 23.17
C THR A 176 11.69 2.80 23.65
N TRP A 177 12.92 3.15 23.29
CA TRP A 177 13.52 4.41 23.71
C TRP A 177 13.65 5.42 22.58
N GLN A 178 13.26 5.06 21.36
CA GLN A 178 13.28 6.00 20.24
C GLN A 178 12.57 5.35 19.06
N ASP A 179 11.84 6.15 18.29
CA ASP A 179 11.10 5.64 17.15
C ASP A 179 12.06 5.17 16.07
N ALA A 180 12.02 3.88 15.75
CA ALA A 180 13.00 3.32 14.83
C ALA A 180 12.63 1.89 14.44
N PRO A 181 13.35 1.26 13.52
CA PRO A 181 13.12 -0.17 13.25
C PRO A 181 13.71 -1.01 14.36
N TYR A 182 12.89 -1.90 14.92
CA TYR A 182 13.29 -2.76 16.02
C TYR A 182 13.13 -4.21 15.63
N ILE A 183 14.01 -5.05 16.18
CA ILE A 183 13.96 -6.49 16.03
C ILE A 183 13.81 -7.11 17.41
N PHE A 184 12.78 -7.93 17.60
CA PHE A 184 12.51 -8.58 18.86
C PHE A 184 12.61 -10.09 18.67
N ILE A 185 13.38 -10.75 19.53
CA ILE A 185 13.59 -12.18 19.46
C ILE A 185 13.37 -12.77 20.86
N VAL A 186 12.62 -13.86 20.94
CA VAL A 186 12.36 -14.54 22.19
C VAL A 186 12.63 -16.02 22.00
N HIS A 187 13.37 -16.62 22.93
CA HIS A 187 13.74 -18.03 22.89
C HIS A 187 13.34 -18.69 24.19
N ILE A 188 12.65 -19.82 24.09
CA ILE A 188 12.18 -20.58 25.25
C ILE A 188 12.88 -21.94 25.24
N GLY A 189 13.48 -22.30 26.36
CA GLY A 189 14.09 -23.61 26.50
C GLY A 189 13.44 -24.39 27.62
N ILE A 190 12.90 -25.57 27.29
CA ILE A 190 12.18 -26.41 28.23
C ILE A 190 13.03 -27.63 28.54
N SER A 191 13.28 -27.86 29.83
CA SER A 191 14.08 -28.99 30.28
C SER A 191 13.31 -29.77 31.34
N SER A 192 13.37 -31.09 31.26
CA SER A 192 12.69 -31.95 32.21
C SER A 192 13.46 -32.04 33.53
N SER A 203 1.38 -32.21 21.09
CA SER A 203 1.90 -32.22 22.46
C SER A 203 2.08 -30.79 22.97
N ASN A 204 1.11 -29.93 22.68
CA ASN A 204 1.18 -28.55 23.13
C ASN A 204 1.05 -28.47 24.64
N LEU A 205 1.82 -27.58 25.24
CA LEU A 205 1.79 -27.36 26.69
C LEU A 205 1.37 -25.96 27.09
N PHE A 206 1.95 -24.94 26.48
CA PHE A 206 1.66 -23.55 26.82
C PHE A 206 1.08 -22.83 25.62
N THR A 207 0.80 -21.55 25.81
CA THR A 207 0.37 -20.66 24.74
C THR A 207 0.84 -19.26 25.09
N MET A 208 1.61 -18.66 24.19
CA MET A 208 2.21 -17.35 24.40
C MET A 208 1.48 -16.31 23.58
N THR A 209 1.08 -15.22 24.24
CA THR A 209 0.43 -14.09 23.59
C THR A 209 1.38 -12.91 23.62
N VAL A 210 1.66 -12.35 22.46
CA VAL A 210 2.59 -11.24 22.30
C VAL A 210 1.83 -10.05 21.73
N GLU A 211 1.97 -8.90 22.38
CA GLU A 211 1.28 -7.69 21.95
C GLU A 211 2.24 -6.50 21.99
N VAL A 212 1.98 -5.53 21.13
CA VAL A 212 2.72 -4.28 21.12
C VAL A 212 1.73 -3.13 21.19
N LYS A 213 1.98 -2.19 22.10
CA LYS A 213 1.06 -1.06 22.31
C LYS A 213 1.87 0.20 22.56
N GLY A 214 1.69 1.20 21.72
CA GLY A 214 2.41 2.45 21.85
C GLY A 214 1.48 3.58 22.27
N PRO A 215 1.75 4.79 21.78
CA PRO A 215 0.85 5.92 22.05
C PRO A 215 -0.55 5.72 21.51
N TYR A 216 -0.70 4.96 20.43
CA TYR A 216 -1.99 4.51 19.93
C TYR A 216 -2.20 3.06 20.33
N GLU A 217 -3.37 2.52 19.98
CA GLU A 217 -3.74 1.19 20.46
C GLU A 217 -2.85 0.11 19.84
N TYR A 218 -2.92 -0.04 18.53
CA TYR A 218 -2.08 -1.03 17.85
C TYR A 218 -1.50 -0.50 16.54
N LEU A 219 -1.67 0.78 16.24
CA LEU A 219 -1.21 1.36 14.99
C LEU A 219 0.27 1.70 15.14
N THR A 220 1.14 0.81 14.65
CA THR A 220 2.57 1.07 14.69
C THR A 220 2.93 2.11 13.63
N LEU A 221 4.21 2.51 13.65
CA LEU A 221 4.68 3.43 12.64
C LEU A 221 4.69 2.75 11.27
N GLU A 222 4.78 3.58 10.22
CA GLU A 222 4.69 3.24 8.79
C GLU A 222 3.24 3.01 8.37
N ASP A 223 2.29 3.01 9.31
CA ASP A 223 0.87 2.92 8.98
C ASP A 223 0.08 4.16 9.34
N TYR A 224 0.58 4.99 10.25
CA TYR A 224 -0.10 6.24 10.59
C TYR A 224 -0.23 7.19 9.41
N PRO A 225 0.85 7.56 8.70
CA PRO A 225 0.68 8.45 7.55
C PRO A 225 -0.15 7.85 6.43
N LEU A 226 -0.08 6.53 6.23
CA LEU A 226 -0.91 5.89 5.23
C LEU A 226 -2.39 6.00 5.58
N MET A 227 -2.72 5.81 6.86
CA MET A 227 -4.11 5.96 7.30
C MET A 227 -4.59 7.40 7.11
N ILE A 228 -3.75 8.38 7.45
CA ILE A 228 -4.14 9.78 7.28
C ILE A 228 -4.34 10.10 5.80
N PHE A 229 -3.45 9.59 4.94
CA PHE A 229 -3.57 9.81 3.51
C PHE A 229 -4.86 9.18 2.95
N PHE A 230 -5.21 7.99 3.43
CA PHE A 230 -6.43 7.36 2.95
C PHE A 230 -7.67 8.11 3.43
N MET A 231 -7.62 8.67 4.65
CA MET A 231 -8.71 9.50 5.13
C MET A 231 -8.89 10.74 4.25
N VAL A 232 -7.78 11.41 3.93
CA VAL A 232 -7.85 12.60 3.08
C VAL A 232 -8.36 12.23 1.69
N MET A 233 -7.93 11.08 1.16
CA MET A 233 -8.40 10.65 -0.15
C MET A 233 -9.89 10.35 -0.13
N CYS A 234 -10.39 9.75 0.95
CA CYS A 234 -11.83 9.51 1.08
C CYS A 234 -12.61 10.82 1.05
N ILE A 235 -12.12 11.81 1.80
CA ILE A 235 -12.80 13.11 1.84
C ILE A 235 -12.79 13.77 0.46
N VAL A 236 -11.64 13.70 -0.23
CA VAL A 236 -11.53 14.31 -1.56
C VAL A 236 -12.46 13.64 -2.54
N TYR A 237 -12.54 12.30 -2.51
CA TYR A 237 -13.41 11.61 -3.45
C TYR A 237 -14.88 11.86 -3.15
N VAL A 238 -15.24 12.00 -1.87
CA VAL A 238 -16.61 12.36 -1.53
C VAL A 238 -16.95 13.74 -2.08
N LEU A 239 -16.01 14.68 -1.96
CA LEU A 239 -16.22 16.01 -2.53
C LEU A 239 -16.36 15.95 -4.05
N PHE A 240 -15.54 15.13 -4.70
CA PHE A 240 -15.64 14.96 -6.15
C PHE A 240 -17.03 14.44 -6.55
N GLY A 241 -17.50 13.42 -5.84
CA GLY A 241 -18.83 12.88 -6.13
C GLY A 241 -19.94 13.89 -5.92
N VAL A 242 -19.84 14.67 -4.84
CA VAL A 242 -20.85 15.70 -4.58
C VAL A 242 -20.86 16.75 -5.68
N LEU A 243 -19.69 17.19 -6.11
CA LEU A 243 -19.61 18.19 -7.18
C LEU A 243 -20.17 17.64 -8.49
N TRP A 244 -19.83 16.38 -8.82
CA TRP A 244 -20.33 15.80 -10.05
C TRP A 244 -21.85 15.64 -10.02
N LEU A 245 -22.40 15.19 -8.89
CA LEU A 245 -23.85 15.07 -8.77
C LEU A 245 -24.54 16.42 -8.88
N ALA A 246 -23.96 17.46 -8.27
CA ALA A 246 -24.56 18.79 -8.37
C ALA A 246 -24.56 19.29 -9.81
N TRP A 247 -23.44 19.13 -10.52
CA TRP A 247 -23.37 19.56 -11.91
C TRP A 247 -24.33 18.77 -12.78
N SER A 248 -24.43 17.45 -12.56
CA SER A 248 -25.34 16.63 -13.36
C SER A 248 -26.79 17.01 -13.11
N ALA A 249 -27.16 17.21 -11.84
CA ALA A 249 -28.54 17.57 -11.52
C ALA A 249 -28.89 18.95 -12.03
N CYS A 250 -27.92 19.87 -12.08
CA CYS A 250 -28.22 21.21 -12.58
C CYS A 250 -28.55 21.20 -14.08
N TYR A 251 -27.97 20.29 -14.85
CA TYR A 251 -28.19 20.22 -16.30
C TYR A 251 -28.53 18.77 -16.65
N TRP A 252 -29.82 18.46 -16.67
CA TRP A 252 -30.28 17.10 -16.97
C TRP A 252 -31.07 17.01 -18.27
N ARG A 253 -31.33 18.13 -18.93
CA ARG A 253 -32.13 18.09 -20.16
C ARG A 253 -31.40 17.33 -21.26
N ASP A 254 -30.10 17.54 -21.39
CA ASP A 254 -29.31 16.86 -22.42
C ASP A 254 -27.89 16.58 -21.94
N LEU A 255 -27.63 15.31 -21.66
CA LEU A 255 -26.32 14.84 -21.21
C LEU A 255 -25.68 13.99 -22.30
N LEU A 256 -24.49 13.48 -22.00
CA LEU A 256 -23.74 12.64 -22.92
C LEU A 256 -23.44 11.30 -22.25
N ARG A 257 -23.32 10.25 -23.07
CA ARG A 257 -23.00 8.94 -22.54
C ARG A 257 -21.61 8.91 -21.92
N ILE A 258 -20.68 9.72 -22.46
CA ILE A 258 -19.34 9.79 -21.88
C ILE A 258 -19.35 10.42 -20.50
N GLN A 259 -20.36 11.23 -20.18
CA GLN A 259 -20.44 11.90 -18.90
C GLN A 259 -21.08 11.03 -17.82
N PHE A 260 -21.47 9.81 -18.14
CA PHE A 260 -22.01 8.90 -17.15
C PHE A 260 -20.95 7.97 -16.57
N TRP A 261 -19.92 7.64 -17.35
CA TRP A 261 -18.90 6.70 -16.89
C TRP A 261 -17.91 7.35 -15.92
N ILE A 262 -17.76 8.68 -15.99
CA ILE A 262 -16.90 9.37 -15.03
C ILE A 262 -17.45 9.23 -13.63
N GLY A 263 -18.78 9.24 -13.49
CA GLY A 263 -19.39 8.95 -12.20
C GLY A 263 -19.07 7.55 -11.72
N ALA A 264 -19.03 6.58 -12.64
CA ALA A 264 -18.66 5.23 -12.26
C ALA A 264 -17.22 5.16 -11.78
N VAL A 265 -16.32 5.89 -12.45
CA VAL A 265 -14.91 5.92 -12.03
C VAL A 265 -14.79 6.52 -10.63
N ILE A 266 -15.51 7.62 -10.40
CA ILE A 266 -15.50 8.27 -9.09
C ILE A 266 -16.04 7.35 -8.02
N PHE A 267 -17.12 6.62 -8.34
CA PHE A 267 -17.71 5.69 -7.39
C PHE A 267 -16.75 4.56 -7.05
N LEU A 268 -16.05 4.03 -8.05
CA LEU A 268 -15.08 2.96 -7.78
C LEU A 268 -13.92 3.46 -6.92
N GLY A 269 -13.42 4.66 -7.20
CA GLY A 269 -12.38 5.22 -6.37
C GLY A 269 -12.83 5.45 -4.94
N MET A 270 -14.06 5.94 -4.76
CA MET A 270 -14.61 6.15 -3.43
C MET A 270 -14.72 4.83 -2.67
N LEU A 271 -15.19 3.77 -3.34
CA LEU A 271 -15.31 2.47 -2.70
C LEU A 271 -13.95 1.93 -2.30
N GLU A 272 -12.94 2.08 -3.17
CA GLU A 272 -11.61 1.60 -2.84
C GLU A 272 -11.03 2.33 -1.63
N LYS A 273 -11.18 3.67 -1.60
CA LYS A 273 -10.68 4.43 -0.46
C LYS A 273 -11.39 4.06 0.83
N ALA A 274 -12.72 3.87 0.75
CA ALA A 274 -13.47 3.49 1.94
C ALA A 274 -13.04 2.12 2.45
N VAL A 275 -12.80 1.17 1.55
CA VAL A 275 -12.36 -0.16 1.95
C VAL A 275 -11.00 -0.08 2.65
N PHE A 276 -10.08 0.70 2.07
CA PHE A 276 -8.75 0.84 2.68
C PHE A 276 -8.84 1.47 4.06
N TYR A 277 -9.64 2.53 4.20
CA TYR A 277 -9.77 3.19 5.49
C TYR A 277 -10.40 2.29 6.54
N ALA A 278 -11.43 1.52 6.15
CA ALA A 278 -12.06 0.61 7.09
C ALA A 278 -11.09 -0.49 7.52
N GLU A 279 -10.29 -1.01 6.58
CA GLU A 279 -9.31 -2.02 6.94
C GLU A 279 -8.26 -1.46 7.90
N PHE A 280 -7.79 -0.24 7.66
CA PHE A 280 -6.80 0.34 8.57
C PHE A 280 -7.38 0.62 9.94
N GLN A 281 -8.64 1.07 10.00
CA GLN A 281 -9.28 1.29 11.29
C GLN A 281 -9.41 -0.02 12.07
N ASN A 282 -9.82 -1.10 11.38
CA ASN A 282 -9.95 -2.38 12.05
C ASN A 282 -8.60 -2.90 12.54
N ILE A 283 -7.56 -2.76 11.72
CA ILE A 283 -6.25 -3.27 12.11
C ILE A 283 -5.69 -2.44 13.26
N ARG A 284 -6.02 -1.15 13.33
CA ARG A 284 -5.56 -0.35 14.46
C ARG A 284 -6.30 -0.71 15.74
N TYR A 285 -7.62 -0.86 15.67
CA TYR A 285 -8.39 -1.04 16.90
C TYR A 285 -8.52 -2.49 17.35
N LYS A 286 -8.10 -3.46 16.53
CA LYS A 286 -8.17 -4.85 16.93
C LYS A 286 -6.84 -5.59 16.88
N GLY A 287 -5.87 -5.11 16.11
CA GLY A 287 -4.58 -5.74 16.01
C GLY A 287 -4.48 -6.83 14.95
N GLU A 288 -5.60 -7.19 14.32
CA GLU A 288 -5.61 -8.23 13.29
C GLU A 288 -6.27 -7.69 12.05
N SER A 289 -5.62 -7.86 10.91
CA SER A 289 -6.15 -7.39 9.64
C SER A 289 -7.25 -8.31 9.13
N VAL A 290 -8.18 -7.73 8.36
CA VAL A 290 -9.23 -8.51 7.72
C VAL A 290 -8.66 -9.18 6.47
N GLN A 291 -8.97 -10.47 6.31
CA GLN A 291 -8.37 -11.24 5.23
C GLN A 291 -8.88 -10.78 3.87
N GLY A 292 -10.19 -10.61 3.73
CA GLY A 292 -10.77 -10.26 2.45
C GLY A 292 -10.99 -8.77 2.23
N ALA A 293 -9.95 -8.05 2.32
CA ALA A 293 -10.05 -6.61 2.14
C ALA A 293 -9.03 -6.06 1.16
N LEU A 294 -7.80 -6.27 1.59
CA LEU A 294 -6.76 -5.75 0.71
C LEU A 294 -6.91 -6.28 -0.71
N ILE A 295 -7.26 -7.56 -0.85
CA ILE A 295 -7.45 -8.14 -2.18
C ILE A 295 -8.62 -7.47 -2.90
N LEU A 296 -9.73 -7.23 -2.17
CA LEU A 296 -10.87 -6.57 -2.78
C LEU A 296 -10.54 -5.14 -3.18
N ALA A 297 -9.79 -4.43 -2.33
CA ALA A 297 -9.38 -3.07 -2.68
C ALA A 297 -8.48 -3.05 -3.91
N GLU A 298 -7.55 -4.00 -3.99
CA GLU A 298 -6.68 -4.07 -5.16
C GLU A 298 -7.47 -4.39 -6.43
N LEU A 299 -8.44 -5.29 -6.33
CA LEU A 299 -9.28 -5.61 -7.48
C LEU A 299 -10.09 -4.40 -7.93
N LEU A 300 -10.66 -3.65 -6.98
CA LEU A 300 -11.41 -2.46 -7.32
C LEU A 300 -10.52 -1.40 -7.97
N SER A 301 -9.29 -1.24 -7.46
CA SER A 301 -8.36 -0.28 -8.05
C SER A 301 -7.99 -0.69 -9.48
N ALA A 302 -7.74 -1.99 -9.69
CA ALA A 302 -7.41 -2.46 -11.04
C ALA A 302 -8.57 -2.25 -12.00
N VAL A 303 -9.80 -2.51 -11.55
CA VAL A 303 -10.96 -2.32 -12.39
C VAL A 303 -11.14 -0.85 -12.75
N LYS A 304 -10.96 0.04 -11.77
CA LYS A 304 -11.08 1.47 -12.03
C LYS A 304 -10.01 1.95 -13.01
N ARG A 305 -8.78 1.49 -12.84
CA ARG A 305 -7.71 1.89 -13.75
C ARG A 305 -7.96 1.38 -15.17
N SER A 306 -8.43 0.14 -15.30
CA SER A 306 -8.73 -0.40 -16.62
C SER A 306 -9.87 0.37 -17.29
N LEU A 307 -10.91 0.71 -16.51
CA LEU A 307 -12.01 1.50 -17.07
C LEU A 307 -11.55 2.88 -17.51
N ALA A 308 -10.68 3.52 -16.72
CA ALA A 308 -10.15 4.82 -17.10
C ALA A 308 -9.33 4.73 -18.37
N ARG A 309 -8.49 3.69 -18.48
CA ARG A 309 -7.66 3.52 -19.67
C ARG A 309 -8.52 3.29 -20.91
N THR A 310 -9.53 2.44 -20.81
CA THR A 310 -10.36 2.17 -21.98
C THR A 310 -11.20 3.39 -22.36
N LEU A 311 -11.67 4.17 -21.37
CA LEU A 311 -12.38 5.39 -21.68
C LEU A 311 -11.49 6.40 -22.38
N VAL A 312 -10.24 6.53 -21.92
CA VAL A 312 -9.31 7.46 -22.57
C VAL A 312 -9.01 7.01 -23.99
N ILE A 313 -8.85 5.69 -24.19
CA ILE A 313 -8.57 5.18 -25.53
C ILE A 313 -9.76 5.43 -26.47
N ILE A 314 -10.97 5.20 -25.98
CA ILE A 314 -12.14 5.40 -26.83
C ILE A 314 -12.36 6.87 -27.14
N VAL A 315 -12.04 7.75 -26.18
CA VAL A 315 -12.16 9.19 -26.44
C VAL A 315 -11.10 9.64 -27.44
N SER A 316 -9.89 9.06 -27.36
CA SER A 316 -8.81 9.48 -28.23
C SER A 316 -9.10 9.18 -29.69
N LEU A 317 -9.74 8.05 -29.97
CA LEU A 317 -10.03 7.64 -31.34
C LEU A 317 -11.13 8.49 -31.98
N GLY A 318 -11.85 9.30 -31.21
CA GLY A 318 -12.92 10.11 -31.75
C GLY A 318 -14.22 9.37 -31.98
N TYR A 319 -14.35 8.19 -31.37
CA TYR A 319 -15.59 7.38 -31.52
C TYR A 319 -16.76 8.14 -30.90
N GLY A 320 -17.67 8.63 -31.73
CA GLY A 320 -18.83 9.31 -31.23
C GLY A 320 -18.71 10.82 -31.13
N ILE A 321 -17.49 11.34 -31.13
CA ILE A 321 -17.26 12.78 -31.05
C ILE A 321 -16.96 13.38 -32.41
N VAL A 322 -16.12 12.73 -33.20
CA VAL A 322 -15.74 13.18 -34.52
C VAL A 322 -16.35 12.31 -35.62
N LYS A 323 -16.15 11.00 -35.53
CA LYS A 323 -16.68 10.05 -36.49
C LYS A 323 -17.89 9.33 -35.93
N PRO A 324 -18.75 8.80 -36.79
CA PRO A 324 -19.95 8.11 -36.31
C PRO A 324 -19.61 6.81 -35.60
N ARG A 325 -20.55 6.34 -34.78
CA ARG A 325 -20.37 5.10 -34.02
C ARG A 325 -20.52 3.93 -34.99
N LEU A 326 -19.40 3.58 -35.64
CA LEU A 326 -19.39 2.47 -36.57
C LEU A 326 -19.62 1.16 -35.82
N GLY A 327 -20.11 0.16 -36.55
CA GLY A 327 -20.44 -1.13 -35.97
C GLY A 327 -19.26 -1.82 -35.30
N VAL A 328 -18.29 -2.27 -36.10
CA VAL A 328 -17.08 -2.84 -35.52
C VAL A 328 -15.95 -1.81 -35.48
N THR A 329 -15.95 -1.02 -34.40
CA THR A 329 -14.83 -0.14 -34.09
C THR A 329 -14.24 -0.44 -32.72
N LEU A 330 -15.07 -0.41 -31.67
CA LEU A 330 -14.65 -0.88 -30.37
C LEU A 330 -14.64 -2.40 -30.30
N HIS A 331 -15.54 -3.05 -31.03
CA HIS A 331 -15.59 -4.50 -31.05
C HIS A 331 -14.31 -5.05 -31.68
N LYS A 332 -13.69 -6.01 -31.01
CA LYS A 332 -12.48 -6.73 -31.40
C LYS A 332 -11.22 -5.90 -31.23
N VAL A 333 -11.31 -4.61 -30.88
CA VAL A 333 -10.13 -3.78 -30.74
C VAL A 333 -10.04 -3.16 -29.35
N VAL A 334 -11.03 -2.33 -29.01
CA VAL A 334 -10.99 -1.64 -27.74
C VAL A 334 -11.25 -2.60 -26.59
N VAL A 335 -12.18 -3.55 -26.78
CA VAL A 335 -12.49 -4.52 -25.74
C VAL A 335 -11.30 -5.41 -25.45
N ALA A 336 -10.47 -5.67 -26.47
CA ALA A 336 -9.30 -6.53 -26.30
C ALA A 336 -8.24 -5.90 -25.41
N GLY A 337 -8.34 -4.61 -25.11
CA GLY A 337 -7.49 -4.00 -24.10
C GLY A 337 -7.84 -4.39 -22.68
N ALA A 338 -8.98 -5.05 -22.47
CA ALA A 338 -9.38 -5.50 -21.13
C ALA A 338 -8.40 -6.50 -20.55
N LEU A 339 -7.61 -7.19 -21.38
CA LEU A 339 -6.57 -8.08 -20.88
C LEU A 339 -5.53 -7.33 -20.06
N TYR A 340 -5.37 -6.03 -20.30
CA TYR A 340 -4.53 -5.20 -19.44
C TYR A 340 -4.97 -5.29 -17.99
N LEU A 341 -6.29 -5.28 -17.76
CA LEU A 341 -6.83 -5.48 -16.43
C LEU A 341 -6.37 -6.80 -15.82
N LEU A 342 -6.30 -7.84 -16.66
CA LEU A 342 -5.78 -9.13 -16.21
C LEU A 342 -4.35 -8.99 -15.71
N PHE A 343 -3.51 -8.25 -16.45
CA PHE A 343 -2.16 -7.98 -15.98
C PHE A 343 -2.21 -7.14 -14.70
N SER A 344 -3.15 -6.20 -14.63
CA SER A 344 -3.32 -5.43 -13.41
C SER A 344 -3.79 -6.30 -12.25
N GLY A 345 -4.41 -7.45 -12.55
CA GLY A 345 -4.73 -8.41 -11.49
C GLY A 345 -3.54 -9.22 -11.02
N MET A 346 -2.49 -9.32 -11.84
CA MET A 346 -1.33 -10.13 -11.48
C MET A 346 -0.28 -9.36 -10.70
N GLU A 347 -0.42 -8.03 -10.59
CA GLU A 347 0.53 -7.24 -9.83
C GLU A 347 -0.07 -6.66 -8.55
N GLY A 348 -1.39 -6.54 -8.46
CA GLY A 348 -2.01 -6.00 -7.27
C GLY A 348 -2.18 -7.03 -6.17
N VAL A 349 -2.91 -8.11 -6.45
CA VAL A 349 -3.12 -9.15 -5.45
C VAL A 349 -1.81 -9.87 -5.13
N LEU A 350 -0.95 -10.02 -6.14
CA LEU A 350 0.32 -10.70 -5.92
C LEU A 350 1.24 -9.88 -5.02
N ARG A 351 1.24 -8.55 -5.19
CA ARG A 351 2.10 -7.72 -4.37
C ARG A 351 1.56 -7.56 -2.96
N VAL A 352 0.23 -7.47 -2.82
CA VAL A 352 -0.36 -7.24 -1.50
C VAL A 352 -0.16 -8.46 -0.61
N THR A 353 -0.29 -9.66 -1.18
CA THR A 353 -0.07 -10.90 -0.45
C THR A 353 1.32 -11.41 -0.81
N GLY A 354 2.25 -11.28 0.13
CA GLY A 354 3.64 -11.64 -0.11
C GLY A 354 3.85 -13.11 -0.45
N ALA A 355 4.24 -13.38 -1.70
CA ALA A 355 4.50 -14.73 -2.17
C ALA A 355 5.98 -14.99 -2.40
N GLN A 356 6.66 -14.09 -3.12
CA GLN A 356 8.08 -14.22 -3.41
C GLN A 356 8.38 -15.50 -4.20
N THR A 357 7.51 -15.80 -5.17
CA THR A 357 7.62 -17.01 -5.98
C THR A 357 8.31 -16.73 -7.32
N ASP A 358 9.26 -15.79 -7.33
CA ASP A 358 10.00 -15.43 -8.54
C ASP A 358 9.07 -14.88 -9.62
N LEU A 359 8.18 -13.97 -9.21
CA LEU A 359 7.22 -13.39 -10.14
C LEU A 359 7.15 -11.86 -10.04
N ALA A 360 8.10 -11.24 -9.33
CA ALA A 360 8.10 -9.78 -9.24
C ALA A 360 8.46 -9.16 -10.59
N SER A 361 9.53 -9.64 -11.22
CA SER A 361 9.92 -9.12 -12.53
C SER A 361 8.85 -9.40 -13.57
N LEU A 362 8.26 -10.59 -13.54
CA LEU A 362 7.16 -10.90 -14.44
C LEU A 362 5.91 -10.10 -14.13
N ALA A 363 5.80 -9.54 -12.92
CA ALA A 363 4.69 -8.68 -12.57
C ALA A 363 4.93 -7.22 -12.93
N PHE A 364 6.20 -6.80 -13.09
CA PHE A 364 6.50 -5.41 -13.42
C PHE A 364 6.79 -5.17 -14.90
N ILE A 365 7.36 -6.14 -15.61
CA ILE A 365 7.79 -5.91 -16.99
C ILE A 365 6.61 -5.82 -17.95
N PRO A 366 5.74 -6.85 -18.05
CA PRO A 366 4.65 -6.79 -19.05
C PRO A 366 3.68 -5.64 -18.83
N LEU A 367 3.43 -5.27 -17.58
CA LEU A 367 2.56 -4.12 -17.31
C LEU A 367 3.16 -2.84 -17.89
N ALA A 368 4.46 -2.63 -17.69
CA ALA A 368 5.12 -1.45 -18.22
C ALA A 368 5.12 -1.46 -19.75
N PHE A 369 5.38 -2.62 -20.36
CA PHE A 369 5.38 -2.70 -21.82
C PHE A 369 3.99 -2.42 -22.38
N LEU A 370 2.95 -2.98 -21.75
CA LEU A 370 1.58 -2.76 -22.21
C LEU A 370 1.19 -1.30 -22.06
N ASP A 371 1.59 -0.67 -20.95
CA ASP A 371 1.29 0.75 -20.76
C ASP A 371 1.99 1.61 -21.80
N THR A 372 3.25 1.27 -22.13
CA THR A 372 3.97 2.02 -23.16
C THR A 372 3.29 1.87 -24.52
N ALA A 373 2.85 0.65 -24.85
CA ALA A 373 2.16 0.45 -26.12
C ALA A 373 0.84 1.21 -26.15
N LEU A 374 0.11 1.22 -25.04
CA LEU A 374 -1.14 1.97 -24.97
C LEU A 374 -0.90 3.46 -25.13
N CYS A 375 0.15 4.00 -24.51
CA CYS A 375 0.45 5.41 -24.65
C CYS A 375 0.82 5.76 -26.10
N TRP A 376 1.59 4.88 -26.75
CA TRP A 376 1.94 5.09 -28.15
C TRP A 376 0.69 5.12 -29.03
N TRP A 377 -0.22 4.16 -28.81
CA TRP A 377 -1.45 4.11 -29.57
C TRP A 377 -2.32 5.34 -29.33
N ILE A 378 -2.41 5.77 -28.08
CA ILE A 378 -3.23 6.94 -27.73
C ILE A 378 -2.69 8.19 -28.40
N PHE A 379 -1.37 8.38 -28.36
CA PHE A 379 -0.79 9.58 -28.96
C PHE A 379 -0.93 9.58 -30.47
N ILE A 380 -0.74 8.43 -31.11
CA ILE A 380 -0.92 8.36 -32.57
C ILE A 380 -2.36 8.65 -32.95
N SER A 381 -3.32 8.08 -32.21
CA SER A 381 -4.73 8.31 -32.50
C SER A 381 -5.10 9.77 -32.29
N LEU A 382 -4.58 10.39 -31.22
CA LEU A 382 -4.86 11.80 -30.97
C LEU A 382 -4.30 12.68 -32.08
N THR A 383 -3.09 12.37 -32.55
CA THR A 383 -2.50 13.16 -33.64
C THR A 383 -3.33 13.03 -34.91
N GLN A 384 -3.75 11.81 -35.25
CA GLN A 384 -4.57 11.61 -36.44
C GLN A 384 -5.92 12.32 -36.31
N THR A 385 -6.55 12.24 -35.13
CA THR A 385 -7.84 12.88 -34.93
C THR A 385 -7.74 14.40 -35.03
N MET A 386 -6.69 14.98 -34.43
CA MET A 386 -6.52 16.42 -34.51
C MET A 386 -6.23 16.87 -35.95
N LYS A 387 -5.43 16.09 -36.69
CA LYS A 387 -5.16 16.43 -38.08
C LYS A 387 -6.42 16.37 -38.92
N LEU A 388 -7.27 15.36 -38.69
CA LEU A 388 -8.53 15.28 -39.41
C LEU A 388 -9.46 16.43 -39.03
N LEU A 389 -9.51 16.78 -37.75
CA LEU A 389 -10.45 17.79 -37.29
C LEU A 389 -10.06 19.19 -37.75
N LYS A 390 -8.76 19.47 -37.84
CA LYS A 390 -8.33 20.80 -38.28
C LYS A 390 -8.65 21.08 -39.74
N LEU A 391 -8.87 20.05 -40.56
CA LEU A 391 -9.12 20.23 -41.98
C LEU A 391 -10.53 20.72 -42.29
N ARG A 392 -11.49 20.49 -41.40
CA ARG A 392 -12.88 20.83 -41.66
C ARG A 392 -13.31 22.14 -41.01
N ARG A 393 -12.36 22.91 -40.47
CA ARG A 393 -12.62 24.22 -39.90
C ARG A 393 -13.57 24.13 -38.69
N ASN A 394 -13.12 23.39 -37.68
CA ASN A 394 -13.84 23.25 -36.42
C ASN A 394 -13.01 23.87 -35.30
N ILE A 395 -13.61 24.74 -34.51
CA ILE A 395 -12.90 25.48 -33.49
C ILE A 395 -13.32 25.10 -32.08
N VAL A 396 -14.56 24.66 -31.88
CA VAL A 396 -15.03 24.35 -30.53
C VAL A 396 -14.32 23.12 -29.98
N LYS A 397 -14.23 22.07 -30.80
CA LYS A 397 -13.63 20.81 -30.36
C LYS A 397 -12.11 20.80 -30.42
N LEU A 398 -11.52 21.62 -31.29
CA LEU A 398 -10.07 21.63 -31.44
C LEU A 398 -9.38 22.10 -30.17
N SER A 399 -9.91 23.14 -29.54
CA SER A 399 -9.32 23.63 -28.29
C SER A 399 -9.44 22.59 -27.18
N LEU A 400 -10.58 21.91 -27.09
CA LEU A 400 -10.75 20.86 -26.09
C LEU A 400 -9.78 19.72 -26.31
N TYR A 401 -9.57 19.32 -27.58
CA TYR A 401 -8.63 18.26 -27.85
C TYR A 401 -7.20 18.69 -27.55
N ARG A 402 -6.86 19.95 -27.82
CA ARG A 402 -5.52 20.44 -27.50
C ARG A 402 -5.30 20.43 -25.98
N HIS A 403 -6.30 20.87 -25.21
CA HIS A 403 -6.18 20.82 -23.76
C HIS A 403 -6.05 19.38 -23.26
N PHE A 404 -6.82 18.46 -23.86
CA PHE A 404 -6.75 17.06 -23.46
C PHE A 404 -5.36 16.48 -23.73
N THR A 405 -4.80 16.75 -24.90
CA THR A 405 -3.48 16.19 -25.22
C THR A 405 -2.39 16.84 -24.38
N ASN A 406 -2.52 18.14 -24.07
CA ASN A 406 -1.57 18.78 -23.18
C ASN A 406 -1.61 18.16 -21.78
N THR A 407 -2.82 17.90 -21.26
CA THR A 407 -2.93 17.26 -19.97
C THR A 407 -2.33 15.86 -19.99
N LEU A 408 -2.57 15.11 -21.06
CA LEU A 408 -2.01 13.76 -21.16
C LEU A 408 -0.48 13.79 -21.20
N ILE A 409 0.10 14.71 -21.97
CA ILE A 409 1.56 14.76 -22.07
C ILE A 409 2.17 15.21 -20.75
N LEU A 410 1.52 16.15 -20.05
CA LEU A 410 2.01 16.56 -18.75
C LEU A 410 1.94 15.41 -17.73
N ALA A 411 0.86 14.63 -17.79
CA ALA A 411 0.73 13.48 -16.90
C ALA A 411 1.82 12.44 -17.18
N VAL A 412 2.12 12.20 -18.46
CA VAL A 412 3.15 11.24 -18.82
C VAL A 412 4.52 11.71 -18.32
N ALA A 413 4.82 13.00 -18.51
CA ALA A 413 6.10 13.53 -18.04
C ALA A 413 6.23 13.45 -16.52
N ALA A 414 5.16 13.79 -15.81
CA ALA A 414 5.19 13.71 -14.34
C ALA A 414 5.36 12.27 -13.88
N SER A 415 4.69 11.33 -14.54
CA SER A 415 4.81 9.92 -14.18
C SER A 415 6.23 9.42 -14.40
N ILE A 416 6.85 9.79 -15.53
CA ILE A 416 8.20 9.31 -15.79
C ILE A 416 9.19 9.93 -14.80
N VAL A 417 8.98 11.20 -14.43
CA VAL A 417 9.87 11.82 -13.45
C VAL A 417 9.71 11.13 -12.09
N PHE A 418 8.47 10.82 -11.70
CA PHE A 418 8.22 10.16 -10.43
C PHE A 418 8.85 8.78 -10.40
N ILE A 419 8.73 8.02 -11.49
CA ILE A 419 9.29 6.66 -11.50
C ILE A 419 10.81 6.71 -11.47
N ILE A 420 11.42 7.68 -12.17
CA ILE A 420 12.87 7.81 -12.13
C ILE A 420 13.34 8.17 -10.72
N TRP A 421 12.64 9.11 -10.07
CA TRP A 421 13.04 9.50 -8.72
C TRP A 421 12.88 8.34 -7.73
N THR A 422 11.77 7.61 -7.84
CA THR A 422 11.52 6.50 -6.92
C THR A 422 12.56 5.39 -7.12
N THR A 423 12.91 5.08 -8.37
CA THR A 423 13.90 4.04 -8.59
C THR A 423 15.31 4.51 -8.23
N MET A 424 15.58 5.81 -8.30
CA MET A 424 16.89 6.34 -8.01
C MET A 424 17.10 6.65 -6.53
N LYS A 425 16.04 6.70 -5.73
CA LYS A 425 16.17 7.01 -4.31
C LYS A 425 16.09 5.80 -3.40
N PHE A 426 15.22 4.84 -3.70
CA PHE A 426 14.97 3.75 -2.75
C PHE A 426 15.83 2.52 -3.04
N ARG A 427 15.70 1.94 -4.22
CA ARG A 427 16.37 0.68 -4.53
C ARG A 427 17.70 0.88 -5.24
N ILE A 428 18.54 1.79 -4.72
CA ILE A 428 19.88 1.95 -5.26
C ILE A 428 20.88 2.02 -4.12
N VAL A 429 20.39 2.22 -2.91
CA VAL A 429 21.24 2.52 -1.75
C VAL A 429 21.67 1.21 -1.09
N THR A 430 22.84 1.25 -0.44
CA THR A 430 23.31 0.08 0.30
C THR A 430 22.35 -0.25 1.44
N CYS A 431 21.93 0.76 2.20
CA CYS A 431 20.89 0.58 3.21
C CYS A 431 20.15 1.89 3.37
N GLN A 432 18.83 1.82 3.47
CA GLN A 432 17.98 3.00 3.46
C GLN A 432 18.15 3.75 4.78
N SER A 433 18.93 4.84 4.73
CA SER A 433 19.10 5.67 5.92
C SER A 433 17.89 6.53 6.22
N ASP A 434 17.03 6.77 5.24
CA ASP A 434 15.82 7.58 5.40
C ASP A 434 14.61 6.67 5.20
N TRP A 435 14.18 6.04 6.29
CA TRP A 435 13.03 5.14 6.26
C TRP A 435 11.72 5.84 6.60
N ARG A 436 11.76 7.13 6.94
CA ARG A 436 10.55 7.83 7.35
C ARG A 436 9.57 7.96 6.19
N GLU A 437 10.05 8.44 5.05
CA GLU A 437 9.20 8.62 3.87
C GLU A 437 9.29 7.39 2.96
N LEU A 438 8.99 6.24 3.53
CA LEU A 438 8.96 4.98 2.79
C LEU A 438 7.58 4.65 2.26
N TRP A 439 6.56 5.44 2.62
CA TRP A 439 5.19 5.22 2.19
C TRP A 439 4.80 6.05 0.98
N VAL A 440 5.68 6.93 0.50
CA VAL A 440 5.32 7.84 -0.59
C VAL A 440 5.11 7.08 -1.89
N ASP A 441 5.84 5.97 -2.08
CA ASP A 441 5.73 5.21 -3.32
C ASP A 441 4.36 4.56 -3.49
N ASP A 442 3.62 4.36 -2.40
CA ASP A 442 2.29 3.77 -2.46
C ASP A 442 1.19 4.82 -2.51
N ALA A 443 1.54 6.11 -2.55
CA ALA A 443 0.54 7.18 -2.57
C ALA A 443 0.73 8.19 -3.68
N ILE A 444 1.93 8.32 -4.26
CA ILE A 444 2.14 9.29 -5.33
C ILE A 444 1.31 8.93 -6.55
N TRP A 445 1.20 7.64 -6.86
CA TRP A 445 0.42 7.21 -8.01
C TRP A 445 -1.05 7.54 -7.83
N ARG A 446 -1.59 7.29 -6.64
CA ARG A 446 -2.99 7.60 -6.37
C ARG A 446 -3.24 9.10 -6.43
N LEU A 447 -2.31 9.90 -5.88
CA LEU A 447 -2.46 11.35 -5.93
C LEU A 447 -2.43 11.86 -7.37
N LEU A 448 -1.53 11.32 -8.19
CA LEU A 448 -1.45 11.73 -9.59
C LEU A 448 -2.71 11.35 -10.35
N PHE A 449 -3.24 10.14 -10.10
CA PHE A 449 -4.47 9.72 -10.75
C PHE A 449 -5.63 10.61 -10.34
N SER A 450 -5.72 10.97 -9.07
CA SER A 450 -6.78 11.86 -8.61
C SER A 450 -6.67 13.23 -9.26
N MET A 451 -5.45 13.76 -9.38
CA MET A 451 -5.27 15.07 -10.01
C MET A 451 -5.68 15.04 -11.47
N ILE A 452 -5.28 13.98 -12.19
CA ILE A 452 -5.65 13.87 -13.60
C ILE A 452 -7.16 13.73 -13.76
N LEU A 453 -7.79 12.95 -12.87
CA LEU A 453 -9.23 12.79 -12.92
C LEU A 453 -9.94 14.11 -12.66
N PHE A 454 -9.44 14.91 -11.72
CA PHE A 454 -10.03 16.21 -11.46
C PHE A 454 -9.90 17.14 -12.66
N VAL A 455 -8.73 17.11 -13.31
CA VAL A 455 -8.53 17.96 -14.50
C VAL A 455 -9.49 17.55 -15.61
N ILE A 456 -9.63 16.25 -15.83
CA ILE A 456 -10.54 15.76 -16.87
C ILE A 456 -11.99 16.11 -16.52
N MET A 457 -12.33 16.04 -15.23
CA MET A 457 -13.66 16.43 -14.79
C MET A 457 -13.93 17.90 -15.07
N VAL A 458 -12.93 18.75 -14.84
CA VAL A 458 -13.10 20.18 -15.11
C VAL A 458 -13.24 20.41 -16.61
N LEU A 459 -12.51 19.63 -17.42
CA LEU A 459 -12.60 19.81 -18.87
C LEU A 459 -13.97 19.38 -19.41
N TRP A 460 -14.45 18.21 -18.99
CA TRP A 460 -15.74 17.68 -19.43
C TRP A 460 -16.76 17.91 -18.32
N ARG A 461 -17.40 19.07 -18.33
CA ARG A 461 -18.43 19.39 -17.37
C ARG A 461 -19.72 19.72 -18.08
N PRO A 462 -20.88 19.31 -17.55
CA PRO A 462 -22.15 19.68 -18.18
C PRO A 462 -22.37 21.19 -18.15
N SER A 463 -22.95 21.70 -19.23
CA SER A 463 -23.20 23.13 -19.33
C SER A 463 -24.59 23.40 -19.92
N ALA A 464 -24.86 24.65 -20.27
CA ALA A 464 -26.16 24.99 -20.86
C ALA A 464 -26.32 24.34 -22.23
N ASN A 465 -25.33 24.51 -23.11
CA ASN A 465 -25.34 23.91 -24.43
C ASN A 465 -24.42 22.70 -24.36
N ASN A 466 -24.95 21.60 -23.84
CA ASN A 466 -24.21 20.35 -23.74
C ASN A 466 -24.39 19.49 -24.99
N GLN A 467 -24.06 20.05 -26.15
CA GLN A 467 -24.22 19.28 -27.41
C GLN A 467 -23.09 19.62 -28.40
N ARG A 468 -22.18 20.51 -28.02
CA ARG A 468 -21.07 20.83 -28.91
C ARG A 468 -20.16 19.63 -29.13
N PHE A 469 -20.16 18.66 -28.21
CA PHE A 469 -19.32 17.47 -28.32
C PHE A 469 -20.08 16.28 -28.89
N ALA A 470 -21.06 16.54 -29.74
CA ALA A 470 -21.83 15.49 -30.40
C ALA A 470 -21.39 15.36 -31.86
N PHE A 471 -21.72 14.21 -32.45
CA PHE A 471 -21.33 13.95 -33.83
C PHE A 471 -22.02 14.90 -34.79
N SER A 472 -23.34 15.04 -34.65
CA SER A 472 -24.16 15.91 -35.50
C SER A 472 -24.06 15.50 -36.97
N PRO A 473 -24.61 14.34 -37.36
CA PRO A 473 -24.55 13.85 -38.74
C PRO A 473 -25.22 14.77 -39.74
C1 NAG B . 19.22 -19.89 29.84
C2 NAG B . 20.40 -20.48 30.60
C3 NAG B . 21.63 -19.59 30.45
C4 NAG B . 21.91 -19.34 28.97
C5 NAG B . 20.67 -18.79 28.28
C6 NAG B . 20.85 -18.63 26.78
C7 NAG B . 20.46 -21.75 32.70
C8 NAG B . 21.24 -22.78 31.94
N2 NAG B . 20.08 -20.67 32.01
O3 NAG B . 22.75 -20.21 31.06
O4 NAG B . 22.98 -18.40 28.83
O5 NAG B . 19.57 -19.69 28.47
O6 NAG B . 19.92 -17.69 26.25
O7 NAG B . 20.18 -21.89 33.89
C1 NAG B . 24.20 -19.12 28.60
C2 NAG B . 25.05 -18.31 27.62
C3 NAG B . 26.50 -18.22 28.10
C4 NAG B . 27.00 -19.57 28.61
C5 NAG B . 26.05 -20.16 29.64
C6 NAG B . 26.69 -20.32 31.01
C7 NAG B . 24.46 -18.23 25.24
C8 NAG B . 23.94 -16.85 25.52
N2 NAG B . 24.99 -18.88 26.28
O3 NAG B . 26.61 -17.25 29.13
O4 NAG B . 27.14 -20.48 27.52
O5 NAG B . 24.92 -19.30 29.81
O6 NAG B . 26.28 -19.28 31.88
O7 NAG B . 24.43 -18.73 24.12
C1 NAG C . 5.37 6.86 28.03
C2 NAG C . 5.40 8.23 28.71
C3 NAG C . 4.00 8.62 29.21
C4 NAG C . 3.33 7.48 29.98
C5 NAG C . 3.47 6.16 29.23
C6 NAG C . 2.14 5.47 29.00
C7 NAG C . 7.61 8.69 29.65
C8 NAG C . 8.47 8.65 30.89
N2 NAG C . 6.36 8.26 29.81
O3 NAG C . 3.19 8.99 28.11
O4 NAG C . 3.93 7.35 31.27
O5 NAG C . 4.05 6.40 27.95
O6 NAG C . 1.50 5.97 27.84
O7 NAG C . 8.03 9.12 28.58
C1 NAG C . 2.89 7.49 32.26
C2 NAG C . 2.26 8.87 32.08
C3 NAG C . 1.10 9.06 33.08
C4 NAG C . 0.12 7.91 32.96
C5 NAG C . 0.84 6.57 33.09
C6 NAG C . -0.06 5.38 32.87
C7 NAG C . 3.94 10.14 33.36
C8 NAG C . 4.91 11.29 33.33
N2 NAG C . 3.23 9.94 32.23
O3 NAG C . 0.45 10.29 32.82
O4 NAG C . -0.88 8.01 33.98
O5 NAG C . 1.89 6.49 32.12
O6 NAG C . 0.37 4.25 33.60
O7 NAG C . 3.79 9.45 34.36
C1 NAG D . 6.18 -24.29 41.19
C2 NAG D . 6.47 -25.22 42.38
C3 NAG D . 6.76 -24.42 43.66
C4 NAG D . 7.85 -23.39 43.40
C5 NAG D . 7.38 -22.48 42.29
C6 NAG D . 8.40 -21.42 41.93
C7 NAG D . 5.56 -27.48 42.64
C8 NAG D . 4.32 -28.30 42.87
N2 NAG D . 5.39 -26.16 42.60
O3 NAG D . 7.17 -25.33 44.67
O4 NAG D . 8.22 -22.63 44.56
O5 NAG D . 7.18 -23.26 41.10
O6 NAG D . 8.64 -21.37 40.53
O7 NAG D . 6.66 -28.00 42.50
C1 NAG D . 7.27 -22.55 45.63
C2 NAG D . 8.11 -22.39 46.91
C3 NAG D . 7.19 -22.19 48.11
C4 NAG D . 6.24 -21.03 47.87
C5 NAG D . 5.46 -21.29 46.59
C6 NAG D . 4.54 -20.14 46.23
C7 NAG D . 10.32 -23.44 46.95
C8 NAG D . 11.08 -24.70 47.19
N2 NAG D . 8.99 -23.52 47.11
O3 NAG D . 7.98 -21.94 49.27
O4 NAG D . 5.36 -20.86 48.98
O5 NAG D . 6.37 -21.44 45.49
O6 NAG D . 4.81 -18.99 47.01
O7 NAG D . 10.87 -22.39 46.62
C1 BMA D . 4.86 -22.12 49.44
C2 BMA D . 4.92 -22.11 50.99
C3 BMA D . 4.10 -23.24 51.60
C4 BMA D . 2.74 -23.40 50.92
C5 BMA D . 2.94 -23.54 49.41
C6 BMA D . 1.63 -23.71 48.65
O2 BMA D . 4.38 -20.89 51.50
O3 BMA D . 3.93 -23.08 53.00
O4 BMA D . 2.07 -24.56 51.41
O5 BMA D . 3.55 -22.33 48.94
O6 BMA D . 0.94 -22.47 48.66
N L9Q E . 2.78 0.57 -8.88
P L9Q E . 0.58 2.12 -13.12
C1 L9Q E . 2.52 2.15 -14.92
C2 L9Q E . 3.42 3.31 -15.35
O2 L9Q E . 3.43 3.40 -16.74
C3 L9Q E . 2.87 4.62 -14.77
O3 L9Q E . 1.50 4.67 -15.02
C4 L9Q E . 1.75 1.48 -10.87
C5 L9Q E . 1.50 0.80 -9.53
C11 L9Q E . 0.93 5.90 -14.67
O11 L9Q E . 0.78 6.20 -13.54
C12 L9Q E . 0.49 6.87 -15.79
C13 L9Q E . 0.64 6.15 -17.13
C14 L9Q E . 0.14 7.06 -18.25
C15 L9Q E . -1.37 6.89 -18.42
C16 L9Q E . -1.96 8.18 -18.99
C17 L9Q E . -3.43 8.02 -19.40
C18 L9Q E . -4.35 7.48 -18.29
C19 L9Q E . -4.22 8.31 -17.00
O1P L9Q E . -0.09 1.11 -14.01
C20 L9Q E . -5.47 8.11 -16.15
C21 L9Q E . -6.53 9.16 -16.54
C22 L9Q E . -7.90 8.62 -16.16
C23 L9Q E . -8.94 9.71 -16.38
C24 L9Q E . -10.15 9.11 -17.10
C25 L9Q E . -11.27 10.14 -17.17
C26 L9Q E . -12.19 9.83 -18.35
C27 L9Q E . -11.61 10.38 -19.66
C28 L9Q E . -12.66 10.29 -20.75
O2P L9Q E . -0.15 3.44 -13.23
C31 L9Q E . 4.62 3.92 -17.28
O31 L9Q E . 5.60 3.26 -17.30
C32 L9Q E . 4.64 5.33 -17.87
C33 L9Q E . 4.44 5.30 -19.38
C34 L9Q E . 5.72 4.81 -20.09
C35 L9Q E . 6.33 5.94 -20.93
C36 L9Q E . 5.55 6.15 -22.22
C37 L9Q E . 6.30 7.16 -23.09
C38 L9Q E . 5.63 7.31 -24.46
C39 L9Q E . 6.62 8.02 -25.39
O3P L9Q E . 2.16 2.30 -13.58
C40 L9Q E . 6.40 8.17 -26.68
C41 L9Q E . 5.15 7.64 -27.38
C42 L9Q E . 5.32 7.74 -28.90
C43 L9Q E . 5.06 9.15 -29.39
C44 L9Q E . 5.95 9.46 -30.60
C45 L9Q E . 7.33 9.93 -30.14
C46 L9Q E . 8.36 9.69 -31.24
C47 L9Q E . 9.73 10.19 -30.78
C48 L9Q E . 9.86 11.68 -31.10
O4P L9Q E . 0.53 1.60 -11.56
HN L9Q E . 3.09 1.34 -8.55
HNA L9Q E . 3.36 0.25 -9.46
H1 L9Q E . 3.00 1.31 -15.03
H1A L9Q E . 1.72 2.15 -15.47
H2 L9Q E . 4.32 3.16 -15.02
H3 L9Q E . 3.30 5.36 -15.22
H3A L9Q E . 3.04 4.66 -13.82
H4 L9Q E . 2.12 2.37 -10.73
H4A L9Q E . 2.37 0.96 -11.39
H5 L9Q E . 1.06 -0.05 -9.67
H5A L9Q E . 0.95 1.37 -8.97
H12 L9Q E . 1.05 7.65 -15.77
H12A L9Q E . -0.43 7.11 -15.65
H13 L9Q E . 0.12 5.33 -17.12
H13A L9Q E . 1.57 5.93 -17.28
H14 L9Q E . 0.58 6.81 -19.08
H14A L9Q E . 0.34 7.98 -18.04
H15 L9Q E . -1.76 6.70 -17.56
H15A L9Q E . -1.55 6.15 -19.02
H16 L9Q E . -1.85 8.90 -18.35
H16A L9Q E . -1.46 8.41 -19.79
H17 L9Q E . -3.76 8.89 -19.68
H17A L9Q E . -3.48 7.41 -20.15
H18 L9Q E . -5.27 7.54 -18.60
H18A L9Q E . -4.13 6.56 -18.10
H19 L9Q E . -3.44 8.01 -16.51
H19A L9Q E . -4.13 9.25 -17.24
H20 L9Q E . -5.24 8.23 -15.21
H20A L9Q E . -5.82 7.23 -16.29
H21 L9Q E . -6.49 9.31 -17.50
H21A L9Q E . -6.35 9.98 -16.06
H22 L9Q E . -7.90 8.36 -15.23
H22A L9Q E . -8.11 7.85 -16.72
H23 L9Q E . -8.57 10.42 -16.92
H23A L9Q E . -9.23 10.07 -15.52
H24 L9Q E . -9.89 8.83 -17.99
H24A L9Q E . -10.46 8.33 -16.60
H25 L9Q E . -11.78 10.11 -16.35
H25A L9Q E . -10.88 11.02 -17.27
H26 L9Q E . -12.30 8.87 -18.43
H26A L9Q E . -13.06 10.25 -18.19
H27 L9Q E . -11.35 11.30 -19.54
H27A L9Q E . -10.84 9.85 -19.91
H28 L9Q E . -12.94 9.38 -20.87
H28A L9Q E . -13.44 10.83 -20.49
H28B L9Q E . -12.30 10.64 -21.58
H32 L9Q E . 3.93 5.85 -17.47
H32A L9Q E . 5.49 5.75 -17.66
H33 L9Q E . 4.20 6.17 -19.70
H33A L9Q E . 3.72 4.68 -19.58
H34 L9Q E . 5.49 4.07 -20.67
H34A L9Q E . 6.37 4.51 -19.44
H35 L9Q E . 7.25 5.68 -21.15
H35A L9Q E . 6.35 6.76 -20.42
H36 L9Q E . 4.66 6.49 -22.02
H36A L9Q E . 5.47 5.31 -22.70
H37 L9Q E . 6.31 8.01 -22.65
H37A L9Q E . 7.22 6.85 -23.22
H38 L9Q E . 5.42 6.43 -24.82
H38A L9Q E . 4.82 7.83 -24.37
H39 L9Q E . 7.40 8.36 -25.03
H40 L9Q E . 7.04 8.61 -27.20
H41 L9Q E . 5.00 6.71 -27.14
H41A L9Q E . 4.38 8.17 -27.11
H42 L9Q E . 6.23 7.47 -29.12
H42A L9Q E . 4.69 7.14 -29.33
H43 L9Q E . 5.27 9.79 -28.68
H43A L9Q E . 4.14 9.24 -29.64
H44 L9Q E . 5.53 10.17 -31.13
H44A L9Q E . 6.04 8.67 -31.15
H45 L9Q E . 7.29 10.88 -29.93
H45A L9Q E . 7.58 9.43 -29.34
H46 L9Q E . 8.09 10.16 -32.04
H46A L9Q E . 8.41 8.74 -31.44
H47 L9Q E . 9.82 10.06 -29.83
H47A L9Q E . 10.42 9.70 -31.24
H48 L9Q E . 9.15 12.17 -30.68
H48A L9Q E . 9.82 11.82 -32.06
H48B L9Q E . 10.72 12.01 -30.77
C1 CLR F . -20.13 5.04 -26.27
C2 CLR F . -20.35 6.40 -26.96
C3 CLR F . -19.91 7.54 -26.07
C4 CLR F . -18.50 7.30 -25.56
C5 CLR F . -18.16 5.99 -25.05
C6 CLR F . -17.44 5.89 -23.93
C7 CLR F . -17.16 4.63 -23.18
C8 CLR F . -17.34 3.38 -24.05
C9 CLR F . -18.66 3.51 -24.87
C10 CLR F . -18.68 4.75 -25.81
C11 CLR F . -19.08 2.18 -25.54
C12 CLR F . -18.98 0.94 -24.63
C13 CLR F . -17.61 0.79 -23.96
C14 CLR F . -17.36 2.11 -23.20
C15 CLR F . -16.16 1.83 -22.30
C16 CLR F . -16.37 0.35 -21.88
C17 CLR F . -17.50 -0.24 -22.78
C18 CLR F . -16.54 0.46 -25.04
C19 CLR F . -17.79 4.55 -27.06
C20 CLR F . -17.32 -1.75 -23.06
C21 CLR F . -18.37 -2.31 -24.02
C22 CLR F . -17.29 -2.60 -21.77
C23 CLR F . -16.31 -3.74 -21.80
C24 CLR F . -15.31 -3.71 -20.66
C25 CLR F . -14.56 -5.03 -20.43
C26 CLR F . -15.48 -6.09 -19.83
C27 CLR F . -13.35 -4.82 -19.52
O1 CLR F . -19.96 8.76 -26.81
H11 CLR F . -20.72 5.00 -25.48
H12 CLR F . -20.43 4.34 -26.88
H21 CLR F . -19.84 6.42 -27.79
H22 CLR F . -21.30 6.49 -27.18
H3 CLR F . -20.53 7.60 -25.30
H41 CLR F . -18.29 8.00 -24.91
H42 CLR F . -17.87 7.38 -26.31
H6 CLR F . -17.06 6.69 -23.58
H71 CLR F . -17.77 4.57 -22.42
H72 CLR F . -16.24 4.65 -22.85
H8 CLR F . -16.59 3.33 -24.69
H9 CLR F . -19.36 3.68 -24.19
H111 CLR F . -18.52 2.03 -26.33
H112 CLR F . -20.00 2.25 -25.84
H121 CLR F . -19.17 0.15 -25.16
H122 CLR F . -19.67 1.00 -23.93
H14 CLR F . -18.12 2.22 -22.58
H151 CLR F . -16.15 2.40 -21.53
H152 CLR F . -15.32 1.94 -22.79
H161 CLR F . -16.62 0.30 -20.95
H162 CLR F . -15.54 -0.16 -22.02
H17 CLR F . -18.34 -0.15 -22.27
H181 CLR F . -16.85 -0.28 -25.58
H182 CLR F . -15.70 0.22 -24.61
H183 CLR F . -16.38 1.24 -25.60
H191 CLR F . -17.61 5.39 -27.50
H192 CLR F . -18.25 3.97 -27.69
H193 CLR F . -16.96 4.14 -26.82
H20 CLR F . -16.44 -1.86 -23.49
H211 CLR F . -19.22 -1.87 -23.86
H212 CLR F . -18.47 -3.27 -23.89
H213 CLR F . -18.09 -2.15 -24.94
H221 CLR F . -18.19 -2.97 -21.62
H222 CLR F . -17.09 -2.03 -21.00
H231 CLR F . -15.82 -3.72 -22.65
H232 CLR F . -16.80 -4.59 -21.75
H241 CLR F . -15.77 -3.46 -19.84
H242 CLR F . -14.65 -3.01 -20.86
H25 CLR F . -14.24 -5.36 -21.30
H261 CLR F . -14.96 -6.87 -19.59
H262 CLR F . -16.16 -6.33 -20.49
H263 CLR F . -15.92 -5.73 -19.03
H271 CLR F . -12.90 -5.67 -19.39
H272 CLR F . -13.64 -4.47 -18.66
H273 CLR F . -12.74 -4.18 -19.94
H1 CLR F . -19.82 9.41 -26.29
C1 CLR G . 1.20 15.37 8.35
C2 CLR G . 2.12 15.08 9.53
C3 CLR G . 2.17 13.60 9.83
C4 CLR G . 2.59 12.82 8.61
C5 CLR G . 1.76 13.14 7.36
C6 CLR G . 1.30 12.16 6.59
C7 CLR G . 0.39 12.33 5.41
C8 CLR G . 0.43 13.76 4.85
C9 CLR G . 0.36 14.77 6.01
C10 CLR G . 1.55 14.63 7.03
C11 CLR G . 0.09 16.22 5.53
C12 CLR G . -1.02 16.35 4.47
C13 CLR G . -0.81 15.41 3.26
C14 CLR G . -0.70 13.98 3.85
C15 CLR G . -0.82 13.06 2.65
C16 CLR G . -1.83 13.79 1.74
C17 CLR G . -2.03 15.23 2.31
C18 CLR G . 0.43 15.86 2.46
C19 CLR G . 2.87 15.20 6.47
C20 CLR G . -2.33 16.27 1.19
C21 CLR G . -2.43 17.70 1.74
C22 CLR G . -3.61 15.94 0.39
C23 CLR G . -3.59 16.44 -1.03
C24 CLR G . -4.84 16.13 -1.81
C25 CLR G . -4.79 16.50 -3.30
C26 CLR G . -4.80 18.00 -3.51
C27 CLR G . -5.94 15.86 -4.06
O1 CLR G . 3.09 13.36 10.91
H11 CLR G . 0.28 15.13 8.61
H12 CLR G . 1.20 16.34 8.18
H21 CLR G . 3.03 15.40 9.32
H22 CLR G . 1.81 15.57 10.31
H3 CLR G . 1.27 13.30 10.11
H41 CLR G . 2.52 11.86 8.81
H42 CLR G . 3.54 13.00 8.42
H6 CLR G . 1.56 11.27 6.80
H71 CLR G . -0.52 12.12 5.68
H72 CLR G . 0.66 11.70 4.71
H8 CLR G . 1.29 13.87 4.37
H9 CLR G . -0.45 14.53 6.52
H111 CLR G . 0.92 16.59 5.16
H112 CLR G . -0.16 16.76 6.30
H121 CLR G . -1.04 17.27 4.16
H122 CLR G . -1.88 16.15 4.88
H14 CLR G . -1.53 13.84 4.38
H151 CLR G . -1.16 12.19 2.91
H152 CLR G . 0.04 12.95 2.20
H161 CLR G . -2.68 13.30 1.72
H162 CLR G . -1.49 13.84 0.83
H17 CLR G . -2.84 15.19 2.88
H181 CLR G . 0.37 16.80 2.28
H182 CLR G . 0.48 15.37 1.62
H183 CLR G . 1.24 15.69 2.96
H191 CLR G . 3.62 14.88 6.98
H192 CLR G . 2.84 16.17 6.51
H193 CLR G . 2.98 14.93 5.55
H20 CLR G . -1.58 16.24 0.56
H211 CLR G . -2.83 17.69 2.62
H212 CLR G . -2.96 18.25 1.14
H213 CLR G . -1.53 18.09 1.79
H221 CLR G . -4.38 16.34 0.85
H222 CLR G . -3.74 14.97 0.37
H231 CLR G . -2.82 16.04 -1.50
H232 CLR G . -3.44 17.41 -1.04
H241 CLR G . -5.58 16.62 -1.40
H242 CLR G . -5.02 15.18 -1.73
H25 CLR G . -3.95 16.14 -3.68
H261 CLR G . -4.88 18.21 -4.45
H262 CLR G . -3.98 18.38 -3.15
H263 CLR G . -5.56 18.39 -3.03
H271 CLR G . -5.88 16.09 -5.01
H272 CLR G . -6.79 16.17 -3.71
H273 CLR G . -5.89 14.88 -3.98
H1 CLR G . 3.05 12.55 11.15
#